data_5NPO
#
_entry.id   5NPO
#
_cell.length_a   66.909
_cell.length_b   52.733
_cell.length_c   67.944
_cell.angle_alpha   90.00
_cell.angle_beta   90.59
_cell.angle_gamma   90.00
#
_symmetry.space_group_name_H-M   'P 1 21 1'
#
loop_
_entity.id
_entity.type
_entity.pdbx_description
1 polymer 'Beta-lactamase TEM'
2 polymer Beta-lactamase
3 non-polymer 'MAGNESIUM ION'
4 water water
#
loop_
_entity_poly.entity_id
_entity_poly.type
_entity_poly.pdbx_seq_one_letter_code
_entity_poly.pdbx_strand_id
1 'polypeptide(L)'
;MHPETLVKVKDAEDQLGARVGYIELDLNSGKILESFRPEERFPMMSTFKVLLCGAVLSRIDAGQEQLGRRIHYSQNDLVE
YSPVTEKHLTDGMTVRELCSAAITMSDNTAANLLLTTIGGPKELTAFLHNMGDHVTRLDRWEPELNEAIPNDERDTTMPA
AMATTLRKLLTGELLTLASRQQLIDWMEADKVAGPLLRSALPAGWFIADKSGAGERGSRGIIAALGPDGKPSRIVVIYTT
GSQATMDERNRQIAEIGASLIKHW
;
A
2 'polypeptide(L)'
;AHPETLVKVKDAKDQLGKRVGYIELDLASGKILVSFRPEERFPMMSTFKVLLCGAVLSRVDAGQEQLGRRIHYSQNDLVE
YSPVTEKHLTDGMTVGELCSAAITMSDNTAANLLLTTIGGPKELTAFLHNMGDHVTRLDRWEPELNEAIPNDERDTTTPV
AMATTLRKLLTGELLTAASRQQLIDWMEADKVAGPLLRSALPAGWFIADKSGAGERGSRGIIAALGPDGKPSRIVVIYMT
GSQATMDERNRQIAEIGASLIKHWA
;
B
#
loop_
_chem_comp.id
_chem_comp.type
_chem_comp.name
_chem_comp.formula
MG non-polymer 'MAGNESIUM ION' 'Mg 2'
#
# COMPACT_ATOMS: atom_id res chain seq x y z
N HIS A 2 7.05 15.69 0.13
CA HIS A 2 6.54 14.58 1.03
C HIS A 2 6.82 13.08 0.58
N PRO A 3 7.37 12.82 -0.63
CA PRO A 3 7.86 11.45 -0.81
C PRO A 3 9.23 11.18 -0.18
N GLU A 4 9.73 12.07 0.68
CA GLU A 4 11.14 11.98 1.16
C GLU A 4 11.32 10.68 1.92
N THR A 5 10.30 10.31 2.68
CA THR A 5 10.38 9.08 3.48
C THR A 5 10.47 7.84 2.62
N LEU A 6 9.69 7.85 1.57
CA LEU A 6 9.75 6.76 0.61
C LEU A 6 11.12 6.61 -0.07
N VAL A 7 11.77 7.75 -0.32
CA VAL A 7 13.09 7.76 -0.95
C VAL A 7 14.07 7.20 0.08
N LYS A 8 13.89 7.54 1.35
CA LYS A 8 14.72 6.95 2.39
C LYS A 8 14.51 5.43 2.53
N VAL A 9 13.27 4.96 2.42
CA VAL A 9 13.10 3.49 2.48
C VAL A 9 13.85 2.81 1.36
N LYS A 10 13.71 3.38 0.18
CA LYS A 10 14.44 2.88 -0.96
C LYS A 10 15.93 2.87 -0.73
N ASP A 11 16.50 3.95 -0.15
CA ASP A 11 17.92 4.00 0.19
C ASP A 11 18.23 2.91 1.16
N ALA A 12 17.39 2.70 2.17
CA ALA A 12 17.62 1.58 3.14
C ALA A 12 17.75 0.23 2.43
N GLU A 13 16.85 0.00 1.48
CA GLU A 13 16.83 -1.23 0.66
C GLU A 13 18.15 -1.40 -0.08
N ASP A 14 18.63 -0.27 -0.66
CA ASP A 14 19.92 -0.17 -1.34
C ASP A 14 21.10 -0.32 -0.34
N GLN A 15 21.06 0.30 0.83
CA GLN A 15 22.11 0.08 1.85
C GLN A 15 22.17 -1.35 2.41
N LEU A 16 21.01 -1.94 2.68
CA LEU A 16 20.97 -3.29 3.21
C LEU A 16 21.18 -4.37 2.16
N GLY A 17 21.00 -4.06 0.87
CA GLY A 17 20.95 -5.06 -0.27
C GLY A 17 19.79 -6.02 -0.05
N ALA A 18 18.64 -5.51 0.37
CA ALA A 18 17.57 -6.38 0.82
C ALA A 18 16.24 -5.64 0.73
N ARG A 19 15.18 -6.38 0.60
CA ARG A 19 13.84 -5.87 0.46
C ARG A 19 13.47 -5.23 1.81
N VAL A 20 12.85 -4.06 1.72
CA VAL A 20 12.29 -3.40 2.89
C VAL A 20 10.80 -3.14 2.56
N GLY A 21 9.93 -3.30 3.55
CA GLY A 21 8.54 -2.99 3.33
C GLY A 21 8.10 -2.06 4.43
N TYR A 22 7.15 -1.19 4.10
CA TYR A 22 6.77 -0.15 4.99
C TYR A 22 5.36 0.31 4.67
N ILE A 23 4.58 0.61 5.70
CA ILE A 23 3.34 1.27 5.51
C ILE A 23 3.06 2.16 6.73
N GLU A 24 2.38 3.28 6.47
CA GLU A 24 1.96 4.20 7.54
C GLU A 24 0.47 4.38 7.37
N LEU A 25 -0.31 4.20 8.43
CA LEU A 25 -1.78 4.27 8.32
C LEU A 25 -2.30 5.25 9.35
N ASP A 26 -3.32 5.99 9.02
CA ASP A 26 -4.03 6.77 10.00
C ASP A 26 -4.81 5.86 11.00
N LEU A 27 -4.53 6.02 12.28
CA LEU A 27 -5.13 5.14 13.29
C LEU A 27 -6.66 5.27 13.32
N ASN A 28 -7.15 6.51 13.23
CA ASN A 28 -8.60 6.73 13.27
C ASN A 28 -9.39 6.31 12.06
N SER A 29 -8.92 6.66 10.87
CA SER A 29 -9.60 6.37 9.62
C SER A 29 -9.20 5.06 8.99
N GLY A 30 -8.03 4.56 9.34
CA GLY A 30 -7.45 3.43 8.63
C GLY A 30 -6.95 3.73 7.22
N LYS A 31 -7.03 4.97 6.76
CA LYS A 31 -6.55 5.28 5.37
C LYS A 31 -5.05 5.14 5.29
N ILE A 32 -4.59 4.61 4.18
CA ILE A 32 -3.13 4.50 4.05
C ILE A 32 -2.52 5.89 3.67
N LEU A 33 -1.56 6.34 4.43
CA LEU A 33 -0.91 7.60 4.20
C LEU A 33 0.27 7.45 3.27
N GLU A 34 1.07 6.41 3.44
CA GLU A 34 2.07 6.10 2.42
C GLU A 34 2.53 4.64 2.57
N SER A 35 3.25 4.12 1.58
CA SER A 35 3.63 2.69 1.60
C SER A 35 4.74 2.41 0.60
N PHE A 36 5.48 1.35 0.88
CA PHE A 36 6.57 0.90 0.05
C PHE A 36 6.54 -0.62 0.18
N ARG A 37 6.50 -1.32 -0.93
CA ARG A 37 6.28 -2.81 -0.96
C ARG A 37 5.28 -3.28 0.11
N PRO A 38 4.04 -2.68 0.17
CA PRO A 38 3.13 -3.06 1.19
C PRO A 38 2.53 -4.44 1.07
N GLU A 39 2.62 -5.10 -0.10
CA GLU A 39 1.93 -6.36 -0.36
C GLU A 39 2.90 -7.44 -0.71
N GLU A 40 4.12 -7.25 -0.26
CA GLU A 40 5.15 -8.29 -0.24
C GLU A 40 5.21 -8.94 1.12
N ARG A 41 5.52 -10.24 1.11
CA ARG A 41 5.52 -11.05 2.26
C ARG A 41 6.83 -10.92 2.97
N PHE A 42 6.78 -10.74 4.27
CA PHE A 42 7.98 -10.74 5.11
C PHE A 42 7.75 -11.63 6.32
N PRO A 43 8.84 -12.21 6.88
CA PRO A 43 8.69 -12.97 8.12
C PRO A 43 8.22 -12.01 9.23
N MET A 44 7.25 -12.43 10.02
CA MET A 44 6.82 -11.63 11.16
C MET A 44 7.80 -11.55 12.30
N MET A 45 8.48 -12.66 12.54
CA MET A 45 9.34 -12.86 13.73
C MET A 45 8.48 -12.52 14.95
N SER A 46 9.05 -11.84 15.93
CA SER A 46 8.38 -11.66 17.22
C SER A 46 7.30 -10.63 17.16
N THR A 47 7.13 -9.98 16.00
CA THR A 47 5.98 -9.07 15.90
C THR A 47 4.68 -9.84 16.00
N PHE A 48 4.69 -11.14 15.74
CA PHE A 48 3.46 -11.93 15.86
C PHE A 48 2.93 -11.99 17.31
N LYS A 49 3.78 -11.74 18.29
CA LYS A 49 3.42 -11.92 19.72
C LYS A 49 2.30 -10.96 20.14
N VAL A 50 2.18 -9.83 19.45
CA VAL A 50 1.04 -8.93 19.64
C VAL A 50 -0.24 -9.61 19.14
N LEU A 51 -0.23 -10.26 17.96
CA LEU A 51 -1.40 -10.89 17.41
C LEU A 51 -1.81 -12.07 18.27
N LEU A 52 -0.83 -12.79 18.79
CA LEU A 52 -1.02 -13.87 19.68
C LEU A 52 -1.77 -13.35 20.92
N CYS A 53 -1.29 -12.27 21.52
CA CYS A 53 -1.90 -11.85 22.77
C CYS A 53 -3.24 -11.25 22.50
N GLY A 54 -3.45 -10.69 21.30
CA GLY A 54 -4.77 -10.36 20.81
C GLY A 54 -5.72 -11.56 20.80
N ALA A 55 -5.26 -12.68 20.29
CA ALA A 55 -6.13 -13.85 20.30
C ALA A 55 -6.37 -14.29 21.77
N VAL A 56 -5.35 -14.26 22.60
CA VAL A 56 -5.46 -14.61 24.02
C VAL A 56 -6.41 -13.64 24.70
N LEU A 57 -6.37 -12.36 24.36
CA LEU A 57 -7.32 -11.40 24.97
C LEU A 57 -8.77 -11.59 24.50
N SER A 58 -8.92 -11.89 23.22
CA SER A 58 -10.22 -12.19 22.64
C SER A 58 -10.86 -13.41 23.37
N ARG A 59 -10.07 -14.45 23.59
CA ARG A 59 -10.58 -15.59 24.36
C ARG A 59 -10.91 -15.21 25.81
N ILE A 60 -10.19 -14.25 26.41
CA ILE A 60 -10.47 -13.76 27.78
C ILE A 60 -11.80 -13.06 27.82
N ASP A 61 -12.07 -12.24 26.81
CA ASP A 61 -13.35 -11.54 26.63
C ASP A 61 -14.54 -12.47 26.42
N ALA A 62 -14.32 -13.60 25.76
CA ALA A 62 -15.39 -14.53 25.49
C ALA A 62 -15.52 -15.61 26.60
N GLY A 63 -14.78 -15.49 27.70
CA GLY A 63 -14.81 -16.40 28.85
C GLY A 63 -14.00 -17.70 28.73
N GLN A 64 -13.20 -17.87 27.67
CA GLN A 64 -12.53 -19.14 27.41
C GLN A 64 -11.13 -19.18 27.97
N GLU A 65 -10.69 -18.04 28.50
CA GLU A 65 -9.39 -17.91 29.13
C GLU A 65 -9.53 -16.87 30.25
N GLN A 66 -8.56 -16.87 31.16
CA GLN A 66 -8.52 -15.95 32.28
C GLN A 66 -7.13 -15.41 32.43
N LEU A 67 -7.03 -14.10 32.70
CA LEU A 67 -5.78 -13.46 32.98
C LEU A 67 -5.01 -14.06 34.14
N GLY A 68 -5.76 -14.40 35.20
CA GLY A 68 -5.16 -14.95 36.40
C GLY A 68 -4.83 -16.43 36.40
N ARG A 69 -5.12 -17.15 35.31
CA ARG A 69 -4.81 -18.59 35.26
C ARG A 69 -3.31 -18.80 35.25
N ARG A 70 -2.80 -19.74 36.08
CA ARG A 70 -1.39 -19.95 36.26
C ARG A 70 -0.92 -21.10 35.36
N ILE A 71 0.32 -20.98 34.88
CA ILE A 71 0.92 -22.00 34.03
C ILE A 71 2.29 -22.37 34.61
N HIS A 72 2.46 -23.67 34.84
CA HIS A 72 3.71 -24.29 35.23
C HIS A 72 4.27 -24.99 34.01
N TYR A 73 5.59 -25.02 33.94
CA TYR A 73 6.32 -25.40 32.75
C TYR A 73 7.71 -25.76 33.22
N SER A 74 8.40 -26.56 32.44
CA SER A 74 9.42 -27.41 33.01
C SER A 74 10.72 -27.41 32.25
N GLN A 75 11.46 -26.30 32.30
CA GLN A 75 12.91 -26.19 31.89
C GLN A 75 13.28 -26.78 30.53
N ASN A 76 12.76 -27.96 30.29
CA ASN A 76 12.61 -28.55 28.95
C ASN A 76 11.88 -27.65 27.94
N ASP A 77 11.01 -26.76 28.41
CA ASP A 77 10.26 -25.85 27.50
C ASP A 77 11.07 -24.60 27.17
N LEU A 78 12.09 -24.31 27.98
CA LEU A 78 12.85 -23.11 27.84
C LEU A 78 13.64 -23.14 26.51
N VAL A 79 13.18 -22.32 25.56
CA VAL A 79 13.84 -22.12 24.24
C VAL A 79 14.67 -20.89 24.42
N GLU A 80 15.60 -20.62 23.51
CA GLU A 80 16.49 -19.49 23.69
C GLU A 80 15.72 -18.16 23.82
N TYR A 81 16.39 -17.20 24.41
CA TYR A 81 15.82 -15.92 24.82
C TYR A 81 14.49 -16.04 25.48
N SER A 82 14.55 -16.52 26.72
CA SER A 82 13.39 -16.70 27.58
C SER A 82 13.70 -16.00 28.93
N PRO A 83 13.94 -14.67 28.88
CA PRO A 83 14.52 -13.99 30.04
C PRO A 83 13.62 -13.97 31.27
N VAL A 84 12.30 -13.98 31.07
CA VAL A 84 11.38 -13.87 32.19
C VAL A 84 10.98 -15.23 32.61
N THR A 85 10.61 -16.06 31.63
CA THR A 85 10.25 -17.43 31.89
C THR A 85 11.38 -18.29 32.49
N GLU A 86 12.65 -17.97 32.28
CA GLU A 86 13.73 -18.76 32.90
C GLU A 86 13.93 -18.44 34.41
N LYS A 87 13.29 -17.37 34.91
CA LYS A 87 13.28 -17.00 36.31
C LYS A 87 12.10 -17.62 37.10
N HIS A 88 11.10 -18.18 36.45
CA HIS A 88 9.94 -18.75 37.15
C HIS A 88 9.76 -20.24 36.87
N LEU A 89 10.87 -20.98 36.92
CA LEU A 89 10.78 -22.44 36.91
C LEU A 89 9.96 -23.04 38.07
N THR A 90 10.13 -22.48 39.28
CA THR A 90 9.41 -23.02 40.48
C THR A 90 7.92 -22.69 40.46
N ASP A 91 7.59 -21.40 40.61
CA ASP A 91 6.18 -20.96 40.85
C ASP A 91 5.27 -20.88 39.61
N GLY A 92 5.88 -20.84 38.41
CA GLY A 92 5.12 -20.57 37.21
C GLY A 92 4.75 -19.08 37.03
N MET A 93 3.76 -18.87 36.18
CA MET A 93 3.43 -17.55 35.60
C MET A 93 1.97 -17.53 35.18
N THR A 94 1.26 -16.43 35.42
CA THR A 94 -0.10 -16.34 34.93
C THR A 94 -0.10 -15.94 33.46
N VAL A 95 -1.25 -16.12 32.80
CA VAL A 95 -1.52 -15.66 31.43
C VAL A 95 -1.10 -14.20 31.29
N ARG A 96 -1.54 -13.34 32.22
CA ARG A 96 -1.22 -11.92 32.18
C ARG A 96 0.28 -11.69 32.19
N GLU A 97 0.99 -12.45 33.04
CA GLU A 97 2.46 -12.30 33.11
C GLU A 97 3.14 -12.79 31.82
N LEU A 98 2.60 -13.86 31.28
CA LEU A 98 3.12 -14.47 30.06
C LEU A 98 2.95 -13.51 28.84
N CYS A 99 1.75 -12.96 28.64
CA CYS A 99 1.59 -11.84 27.68
C CYS A 99 2.52 -10.66 27.87
N SER A 100 2.71 -10.25 29.13
CA SER A 100 3.63 -9.25 29.49
C SER A 100 5.08 -9.61 29.08
N ALA A 101 5.47 -10.86 29.29
CA ALA A 101 6.82 -11.27 28.99
C ALA A 101 7.00 -11.36 27.45
N ALA A 102 5.99 -11.88 26.75
CA ALA A 102 6.01 -12.08 25.31
C ALA A 102 6.04 -10.72 24.60
N ILE A 103 5.29 -9.75 25.10
CA ILE A 103 5.31 -8.43 24.49
C ILE A 103 6.46 -7.56 24.91
N THR A 104 6.54 -7.30 26.22
CA THR A 104 7.47 -6.30 26.68
C THR A 104 8.92 -6.77 26.58
N MET A 105 9.14 -8.08 26.68
CA MET A 105 10.53 -8.63 26.74
C MET A 105 10.82 -9.59 25.58
N SER A 106 9.80 -9.85 24.77
CA SER A 106 9.86 -10.75 23.65
C SER A 106 10.25 -12.18 24.06
N ASP A 107 9.76 -12.65 25.22
CA ASP A 107 10.16 -13.94 25.74
C ASP A 107 9.59 -15.03 24.83
N ASN A 108 10.46 -15.90 24.30
CA ASN A 108 10.04 -16.91 23.34
C ASN A 108 9.28 -18.03 23.96
N THR A 109 9.67 -18.47 25.16
CA THR A 109 8.93 -19.55 25.85
C THR A 109 7.52 -19.06 26.17
N ALA A 110 7.40 -17.80 26.52
CA ALA A 110 6.09 -17.24 26.86
C ALA A 110 5.15 -17.33 25.74
N ALA A 111 5.66 -16.96 24.54
CA ALA A 111 4.88 -17.11 23.33
C ALA A 111 4.47 -18.57 23.04
N ASN A 112 5.35 -19.53 23.24
CA ASN A 112 4.99 -20.95 23.02
C ASN A 112 3.89 -21.41 24.01
N LEU A 113 4.06 -21.05 25.26
CA LEU A 113 3.07 -21.40 26.30
C LEU A 113 1.74 -20.82 25.92
N LEU A 114 1.74 -19.57 25.48
CA LEU A 114 0.51 -18.90 25.02
C LEU A 114 -0.10 -19.50 23.79
N LEU A 115 0.78 -19.89 22.85
CA LEU A 115 0.31 -20.59 21.67
C LEU A 115 -0.44 -21.91 22.05
N THR A 116 0.18 -22.71 22.91
CA THR A 116 -0.48 -23.94 23.45
C THR A 116 -1.83 -23.58 24.05
N THR A 117 -1.96 -22.48 24.82
CA THR A 117 -3.29 -22.15 25.40
C THR A 117 -4.38 -21.99 24.39
N ILE A 118 -4.05 -21.47 23.19
CA ILE A 118 -5.03 -21.33 22.10
C ILE A 118 -5.15 -22.46 21.08
N GLY A 119 -4.35 -23.51 21.18
CA GLY A 119 -4.39 -24.59 20.21
C GLY A 119 -3.29 -24.47 19.14
N GLY A 120 -2.25 -23.67 19.37
CA GLY A 120 -1.15 -23.59 18.42
C GLY A 120 -1.32 -22.67 17.20
N PRO A 121 -0.30 -22.63 16.31
CA PRO A 121 -0.22 -21.73 15.14
C PRO A 121 -1.43 -21.70 14.26
N LYS A 122 -2.03 -22.87 14.04
CA LYS A 122 -3.20 -23.02 13.20
C LYS A 122 -4.40 -22.23 13.79
N GLU A 123 -4.48 -22.17 15.11
CA GLU A 123 -5.58 -21.46 15.74
C GLU A 123 -5.33 -19.97 15.74
N LEU A 124 -4.07 -19.53 15.90
CA LEU A 124 -3.74 -18.12 15.63
C LEU A 124 -4.13 -17.75 14.19
N THR A 125 -3.72 -18.53 13.20
CA THR A 125 -4.10 -18.26 11.84
C THR A 125 -5.62 -18.22 11.65
N ALA A 126 -6.36 -19.11 12.34
CA ALA A 126 -7.82 -19.12 12.28
C ALA A 126 -8.37 -17.86 12.88
N PHE A 127 -7.85 -17.46 14.03
CA PHE A 127 -8.25 -16.21 14.66
C PHE A 127 -8.09 -15.07 13.69
N LEU A 128 -6.98 -15.04 12.93
CA LEU A 128 -6.74 -13.94 11.96
C LEU A 128 -7.69 -13.92 10.80
N HIS A 129 -7.82 -15.05 10.09
CA HIS A 129 -8.79 -15.20 9.01
C HIS A 129 -10.18 -14.76 9.49
N ASN A 130 -10.56 -15.16 10.67
CA ASN A 130 -11.89 -14.78 11.24
C ASN A 130 -12.11 -13.33 11.52
N MET A 131 -11.03 -12.56 11.72
CA MET A 131 -11.15 -11.12 11.87
C MET A 131 -10.92 -10.34 10.58
N GLY A 132 -10.79 -11.05 9.46
CA GLY A 132 -10.72 -10.44 8.14
C GLY A 132 -9.31 -10.36 7.53
N ASP A 133 -8.30 -10.88 8.22
CA ASP A 133 -6.91 -10.90 7.69
C ASP A 133 -6.69 -12.27 7.03
N HIS A 134 -6.72 -12.28 5.72
CA HIS A 134 -6.51 -13.50 4.97
C HIS A 134 -5.11 -13.68 4.43
N VAL A 135 -4.15 -12.89 4.94
CA VAL A 135 -2.75 -12.96 4.51
C VAL A 135 -1.83 -13.52 5.55
N THR A 136 -1.87 -12.94 6.72
CA THR A 136 -1.02 -13.28 7.82
C THR A 136 -1.20 -14.78 8.23
N ARG A 137 -0.10 -15.50 8.41
CA ARG A 137 -0.18 -16.91 8.68
C ARG A 137 0.89 -17.23 9.67
N LEU A 138 0.55 -17.90 10.77
CA LEU A 138 1.57 -18.47 11.60
C LEU A 138 1.50 -20.00 11.43
N ASP A 139 2.66 -20.59 11.30
CA ASP A 139 2.80 -22.03 11.01
C ASP A 139 3.61 -22.76 12.01
N ARG A 140 4.66 -22.13 12.52
CA ARG A 140 5.56 -22.79 13.44
C ARG A 140 5.59 -22.09 14.83
N TRP A 141 6.39 -22.67 15.72
CA TRP A 141 6.59 -22.26 17.12
C TRP A 141 7.92 -21.52 17.25
N GLU A 142 8.22 -20.90 18.38
CA GLU A 142 9.57 -20.43 18.61
C GLU A 142 10.51 -21.58 18.84
N PRO A 143 11.75 -21.54 18.35
CA PRO A 143 12.37 -20.45 17.64
C PRO A 143 12.30 -20.58 16.08
N GLU A 144 11.73 -21.68 15.58
CA GLU A 144 11.67 -22.02 14.15
C GLU A 144 10.98 -21.00 13.33
N LEU A 145 9.95 -20.33 13.85
CA LEU A 145 9.29 -19.31 13.09
C LEU A 145 10.18 -18.12 12.64
N ASN A 146 11.38 -17.98 13.20
CA ASN A 146 12.29 -16.91 12.85
C ASN A 146 13.28 -17.27 11.73
N GLU A 147 13.19 -18.48 11.14
CA GLU A 147 14.18 -18.90 10.17
C GLU A 147 14.32 -17.99 8.95
N ALA A 148 13.21 -17.44 8.47
CA ALA A 148 13.26 -16.42 7.37
C ALA A 148 13.89 -16.98 6.10
N ILE A 149 13.54 -18.22 5.76
CA ILE A 149 14.10 -18.84 4.56
C ILE A 149 13.57 -18.12 3.35
N PRO A 150 14.43 -17.79 2.40
CA PRO A 150 13.96 -17.02 1.26
C PRO A 150 12.91 -17.83 0.45
N ASN A 151 11.87 -17.16 0.03
CA ASN A 151 10.77 -17.73 -0.69
C ASN A 151 9.85 -18.65 0.15
N ASP A 152 10.03 -18.73 1.47
CA ASP A 152 9.18 -19.56 2.29
C ASP A 152 8.09 -18.61 2.81
N GLU A 153 6.85 -18.92 2.54
CA GLU A 153 5.75 -18.11 2.96
C GLU A 153 5.25 -18.45 4.36
N ARG A 154 5.83 -19.45 5.02
CA ARG A 154 5.45 -19.74 6.39
C ARG A 154 5.74 -18.60 7.31
N ASP A 155 4.80 -18.35 8.20
CA ASP A 155 5.03 -17.36 9.27
C ASP A 155 5.24 -15.95 8.84
N THR A 156 4.59 -15.57 7.74
CA THR A 156 4.79 -14.26 7.11
C THR A 156 3.51 -13.46 7.16
N THR A 157 3.69 -12.18 6.96
CA THR A 157 2.60 -11.22 6.82
C THR A 157 3.02 -10.31 5.67
N MET A 158 2.16 -9.41 5.31
CA MET A 158 2.48 -8.26 4.51
C MET A 158 2.35 -6.99 5.36
N PRO A 159 3.17 -5.94 5.08
CA PRO A 159 3.06 -4.69 5.88
C PRO A 159 1.60 -4.15 5.93
N ALA A 160 0.90 -4.12 4.82
CA ALA A 160 -0.51 -3.66 4.83
C ALA A 160 -1.46 -4.55 5.65
N ALA A 161 -1.23 -5.85 5.65
CA ALA A 161 -2.14 -6.77 6.35
C ALA A 161 -1.88 -6.65 7.80
N MET A 162 -0.60 -6.62 8.17
CA MET A 162 -0.24 -6.40 9.56
C MET A 162 -0.75 -5.05 10.11
N ALA A 163 -0.63 -4.03 9.32
CA ALA A 163 -1.06 -2.69 9.78
C ALA A 163 -2.59 -2.63 10.04
N THR A 164 -3.35 -3.14 9.11
CA THR A 164 -4.79 -3.20 9.25
C THR A 164 -5.21 -4.07 10.44
N THR A 165 -4.61 -5.24 10.57
CA THR A 165 -4.84 -6.06 11.73
C THR A 165 -4.55 -5.46 13.05
N LEU A 166 -3.38 -4.85 13.19
CA LEU A 166 -3.03 -4.14 14.37
C LEU A 166 -4.06 -3.04 14.71
N ARG A 167 -4.50 -2.35 13.70
CA ARG A 167 -5.48 -1.29 13.87
C ARG A 167 -6.80 -1.81 14.48
N LYS A 168 -7.29 -2.89 13.90
CA LYS A 168 -8.50 -3.59 14.43
C LYS A 168 -8.33 -4.10 15.83
N LEU A 169 -7.15 -4.57 16.18
CA LEU A 169 -6.91 -4.95 17.56
C LEU A 169 -6.97 -3.79 18.53
N LEU A 170 -6.44 -2.64 18.14
CA LEU A 170 -6.24 -1.57 19.06
C LEU A 170 -7.39 -0.62 19.10
N THR A 171 -8.24 -0.63 18.10
CA THR A 171 -9.34 0.32 18.08
C THR A 171 -10.60 -0.45 17.88
N GLY A 172 -11.71 0.25 17.89
CA GLY A 172 -13.00 -0.41 17.71
C GLY A 172 -13.31 -1.38 18.84
N GLU A 173 -13.98 -2.47 18.46
CA GLU A 173 -14.67 -3.33 19.42
C GLU A 173 -14.32 -4.81 19.35
N LEU A 174 -13.36 -5.21 18.50
CA LEU A 174 -12.85 -6.61 18.45
C LEU A 174 -12.46 -7.16 19.81
N LEU A 175 -11.79 -6.34 20.60
CA LEU A 175 -11.55 -6.57 22.01
C LEU A 175 -12.35 -5.62 22.90
N THR A 176 -12.52 -6.00 24.16
CA THR A 176 -13.11 -5.07 25.16
C THR A 176 -12.17 -3.90 25.51
N LEU A 177 -12.73 -2.87 26.13
CA LEU A 177 -11.98 -1.73 26.49
C LEU A 177 -10.76 -2.05 27.38
N ALA A 178 -10.92 -2.89 28.39
CA ALA A 178 -9.79 -3.18 29.27
C ALA A 178 -8.76 -4.02 28.44
N SER A 179 -9.28 -4.85 27.52
CA SER A 179 -8.40 -5.72 26.71
C SER A 179 -7.57 -4.94 25.71
N ARG A 180 -8.26 -4.16 24.90
CA ARG A 180 -7.62 -3.11 24.05
C ARG A 180 -6.58 -2.31 24.74
N GLN A 181 -6.91 -1.84 25.94
CA GLN A 181 -5.99 -1.02 26.73
C GLN A 181 -4.86 -1.80 27.34
N GLN A 182 -5.14 -3.05 27.72
CA GLN A 182 -4.07 -3.86 28.22
C GLN A 182 -3.10 -4.13 27.08
N LEU A 183 -3.62 -4.36 25.90
CA LEU A 183 -2.66 -4.76 24.76
C LEU A 183 -1.78 -3.57 24.41
N ILE A 184 -2.42 -2.42 24.21
CA ILE A 184 -1.64 -1.21 24.00
C ILE A 184 -0.73 -0.85 25.15
N ASP A 185 -1.12 -1.11 26.42
CA ASP A 185 -0.17 -0.82 27.51
C ASP A 185 1.02 -1.73 27.51
N TRP A 186 0.80 -3.02 27.25
CA TRP A 186 1.92 -3.93 27.14
C TRP A 186 2.89 -3.43 26.04
N MET A 187 2.34 -3.02 24.88
CA MET A 187 3.17 -2.46 23.76
C MET A 187 3.87 -1.17 24.12
N GLU A 188 3.22 -0.35 24.92
CA GLU A 188 3.88 0.89 25.45
C GLU A 188 5.11 0.62 26.31
N ALA A 189 5.05 -0.46 27.10
CA ALA A 189 6.03 -0.89 28.04
C ALA A 189 7.08 -1.80 27.43
N ASP A 190 7.11 -1.90 26.10
CA ASP A 190 8.16 -2.66 25.37
C ASP A 190 9.51 -2.14 25.79
N LYS A 191 10.37 -3.04 26.28
CA LYS A 191 11.72 -2.73 26.76
C LYS A 191 12.84 -3.20 25.85
N VAL A 192 12.53 -3.82 24.73
CA VAL A 192 13.56 -4.39 23.88
C VAL A 192 13.48 -3.87 22.43
N ALA A 193 13.01 -2.64 22.23
CA ALA A 193 12.99 -2.03 20.92
C ALA A 193 13.61 -0.63 20.91
N GLY A 194 14.46 -0.38 21.90
CA GLY A 194 15.26 0.86 22.01
C GLY A 194 15.93 1.33 20.71
N PRO A 195 16.67 0.45 19.98
CA PRO A 195 17.42 0.83 18.77
C PRO A 195 16.57 1.20 17.51
N LEU A 196 15.26 0.96 17.54
CA LEU A 196 14.44 1.12 16.35
C LEU A 196 13.74 2.45 16.44
N LEU A 197 12.41 2.50 16.31
CA LEU A 197 11.71 3.78 16.21
C LEU A 197 11.83 4.68 17.49
N ARG A 198 11.97 4.06 18.64
CA ARG A 198 12.18 4.80 19.92
C ARG A 198 13.47 5.62 19.90
N SER A 199 14.53 5.15 19.24
CA SER A 199 15.71 6.00 19.11
C SER A 199 15.48 7.30 18.34
N ALA A 200 14.42 7.41 17.54
CA ALA A 200 14.14 8.66 16.83
C ALA A 200 12.91 9.43 17.34
N LEU A 201 12.29 8.97 18.41
CA LEU A 201 11.06 9.51 18.87
C LEU A 201 11.34 10.78 19.68
N PRO A 202 10.72 11.92 19.32
CA PRO A 202 11.01 13.12 20.10
C PRO A 202 10.33 13.09 21.45
N ALA A 203 10.64 14.13 22.24
CA ALA A 203 10.17 14.24 23.62
C ALA A 203 8.68 14.31 23.60
N GLY A 204 8.03 13.63 24.54
CA GLY A 204 6.59 13.77 24.70
C GLY A 204 5.72 12.99 23.69
N TRP A 205 6.34 12.20 22.81
CA TRP A 205 5.56 11.41 21.86
C TRP A 205 5.22 10.12 22.57
N PHE A 206 4.11 9.54 22.21
CA PHE A 206 3.63 8.21 22.65
C PHE A 206 4.08 7.20 21.63
N ILE A 207 4.50 6.03 22.07
CA ILE A 207 4.75 4.94 21.15
C ILE A 207 4.39 3.69 21.88
N ALA A 208 3.63 2.86 21.15
CA ALA A 208 3.33 1.50 21.56
C ALA A 208 3.83 0.52 20.49
N ASP A 209 4.78 -0.34 20.79
CA ASP A 209 5.43 -1.04 19.67
C ASP A 209 5.80 -2.46 20.02
N LYS A 210 6.24 -3.21 18.99
CA LYS A 210 6.79 -4.50 19.15
C LYS A 210 7.70 -4.77 17.96
N SER A 211 8.91 -5.14 18.28
CA SER A 211 9.95 -5.39 17.29
C SER A 211 10.12 -6.88 17.08
N GLY A 212 10.91 -7.27 16.08
CA GLY A 212 11.22 -8.67 15.86
C GLY A 212 12.56 -8.75 15.19
N ALA A 213 13.23 -9.87 15.33
CA ALA A 213 14.47 -10.11 14.76
C ALA A 213 14.53 -11.60 14.51
N GLY A 214 15.19 -12.02 13.46
CA GLY A 214 15.29 -13.46 13.17
C GLY A 214 16.55 -13.71 12.38
N GLU A 215 16.58 -14.86 11.72
CA GLU A 215 17.73 -15.23 10.90
C GLU A 215 17.72 -14.53 9.54
N ARG A 216 18.85 -14.63 8.83
CA ARG A 216 18.92 -14.18 7.41
C ARG A 216 18.56 -12.71 7.22
N GLY A 217 19.00 -11.89 8.15
CA GLY A 217 18.85 -10.45 8.08
C GLY A 217 17.49 -9.89 8.43
N SER A 218 16.63 -10.72 8.95
CA SER A 218 15.22 -10.34 9.16
C SER A 218 15.02 -9.43 10.39
N ARG A 219 14.29 -8.32 10.23
CA ARG A 219 14.12 -7.39 11.33
C ARG A 219 12.86 -6.62 11.04
N GLY A 220 12.11 -6.25 12.08
CA GLY A 220 10.98 -5.36 11.86
C GLY A 220 10.40 -4.73 13.10
N ILE A 221 9.31 -4.04 12.88
CA ILE A 221 8.59 -3.39 13.98
C ILE A 221 7.21 -3.01 13.51
N ILE A 222 6.30 -3.12 14.45
CA ILE A 222 4.96 -2.64 14.32
C ILE A 222 4.73 -1.63 15.47
N ALA A 223 4.08 -0.51 15.20
CA ALA A 223 3.96 0.52 16.20
C ALA A 223 2.73 1.35 15.97
N ALA A 224 2.19 1.83 17.09
CA ALA A 224 1.22 2.92 17.09
C ALA A 224 1.87 4.07 17.82
N LEU A 225 1.91 5.21 17.15
CA LEU A 225 2.60 6.37 17.67
C LEU A 225 1.97 7.66 17.21
N GLY A 226 2.38 8.72 17.89
CA GLY A 226 1.88 10.02 17.72
C GLY A 226 2.45 11.06 18.67
N PRO A 227 2.29 12.33 18.32
CA PRO A 227 2.84 13.41 19.11
C PRO A 227 1.95 13.68 20.34
N ASP A 228 2.50 14.35 21.34
CA ASP A 228 1.72 14.84 22.49
C ASP A 228 1.03 13.70 23.26
N GLY A 229 1.78 12.64 23.55
CA GLY A 229 1.27 11.53 24.37
C GLY A 229 0.05 10.77 23.89
N LYS A 230 -0.19 10.81 22.59
CA LYS A 230 -1.39 10.23 21.99
C LYS A 230 -1.00 9.56 20.64
N PRO A 231 -1.36 8.28 20.43
CA PRO A 231 -1.12 7.64 19.11
C PRO A 231 -2.09 8.13 18.08
N SER A 232 -1.59 8.44 16.88
CA SER A 232 -2.47 8.77 15.79
C SER A 232 -2.21 8.00 14.48
N ARG A 233 -1.09 7.25 14.38
CA ARG A 233 -0.77 6.50 13.17
C ARG A 233 -0.19 5.17 13.54
N ILE A 234 -0.27 4.24 12.59
CA ILE A 234 0.34 2.95 12.71
C ILE A 234 1.48 2.91 11.66
N VAL A 235 2.61 2.38 12.08
CA VAL A 235 3.74 2.15 11.20
C VAL A 235 4.11 0.68 11.30
N VAL A 236 4.42 0.08 10.14
CA VAL A 236 4.94 -1.31 10.10
C VAL A 236 6.14 -1.20 9.16
N ILE A 237 7.29 -1.70 9.59
CA ILE A 237 8.52 -1.79 8.77
C ILE A 237 9.00 -3.24 8.92
N TYR A 238 9.39 -3.87 7.79
CA TYR A 238 10.03 -5.18 7.82
C TYR A 238 11.19 -5.14 6.81
N THR A 239 12.17 -5.97 7.08
CA THR A 239 13.16 -6.28 6.12
C THR A 239 13.60 -7.74 6.26
N THR A 240 14.11 -8.31 5.17
CA THR A 240 14.65 -9.62 5.28
C THR A 240 15.68 -9.78 4.19
N GLY A 241 16.66 -10.65 4.44
CA GLY A 241 17.56 -11.07 3.32
C GLY A 241 18.94 -10.39 3.56
N SER A 242 19.05 -9.34 4.38
CA SER A 242 20.30 -8.57 4.31
C SER A 242 21.42 -9.34 4.96
N GLN A 243 22.63 -9.15 4.48
CA GLN A 243 23.80 -9.64 5.18
C GLN A 243 24.40 -8.60 6.08
N ALA A 244 23.82 -7.41 6.15
CA ALA A 244 24.33 -6.36 7.06
C ALA A 244 24.21 -6.82 8.53
N THR A 245 25.01 -6.24 9.39
CA THR A 245 24.87 -6.44 10.82
C THR A 245 23.55 -5.95 11.41
N MET A 246 23.26 -6.47 12.57
CA MET A 246 22.06 -6.14 13.31
C MET A 246 21.99 -4.63 13.59
N ASP A 247 23.11 -4.09 13.99
CA ASP A 247 23.19 -2.63 14.17
C ASP A 247 22.94 -1.83 12.90
N GLU A 248 23.36 -2.30 11.72
CA GLU A 248 23.05 -1.58 10.51
C GLU A 248 21.56 -1.67 10.18
N ARG A 249 20.97 -2.85 10.42
CA ARG A 249 19.54 -3.02 10.18
C ARG A 249 18.76 -2.11 11.10
N ASN A 250 19.17 -2.11 12.38
CA ASN A 250 18.59 -1.23 13.43
C ASN A 250 18.62 0.22 12.98
N ARG A 251 19.81 0.64 12.51
CA ARG A 251 20.03 2.01 12.06
C ARG A 251 19.09 2.40 10.92
N GLN A 252 18.96 1.52 9.91
CA GLN A 252 18.10 1.78 8.78
C GLN A 252 16.68 2.01 9.22
N ILE A 253 16.24 1.20 10.17
CA ILE A 253 14.83 1.30 10.62
C ILE A 253 14.66 2.61 11.38
N ALA A 254 15.64 2.93 12.20
CA ALA A 254 15.63 4.14 13.04
C ALA A 254 15.63 5.39 12.12
N GLU A 255 16.36 5.35 11.02
CA GLU A 255 16.38 6.49 10.07
C GLU A 255 15.10 6.65 9.24
N ILE A 256 14.44 5.53 8.94
CA ILE A 256 13.10 5.61 8.34
C ILE A 256 12.20 6.28 9.34
N GLY A 257 12.29 5.83 10.59
CA GLY A 257 11.53 6.47 11.70
C GLY A 257 11.78 7.95 11.87
N ALA A 258 13.04 8.34 11.76
CA ALA A 258 13.39 9.78 11.81
C ALA A 258 12.79 10.52 10.64
N SER A 259 12.73 9.91 9.46
CA SER A 259 12.17 10.59 8.33
C SER A 259 10.64 10.77 8.50
N LEU A 260 9.93 9.71 8.93
CA LEU A 260 8.47 9.78 8.97
C LEU A 260 8.05 10.72 10.09
N ILE A 261 8.85 10.80 11.12
CA ILE A 261 8.63 11.75 12.23
C ILE A 261 8.82 13.20 11.71
N LYS A 262 9.89 13.44 10.99
CA LYS A 262 10.20 14.75 10.45
C LYS A 262 9.18 15.23 9.45
N HIS A 263 8.69 14.35 8.60
CA HIS A 263 7.65 14.70 7.64
C HIS A 263 6.28 14.35 8.12
N TRP A 264 6.09 14.25 9.42
CA TRP A 264 4.80 13.85 9.94
C TRP A 264 3.67 14.78 9.44
N LYS B 18 -0.24 22.41 -2.74
CA LYS B 18 -0.92 22.17 -1.50
C LYS B 18 -1.22 20.70 -1.28
N ARG B 19 -1.48 19.93 -2.32
CA ARG B 19 -1.74 18.50 -2.15
C ARG B 19 -1.12 17.66 -3.24
N VAL B 20 -0.62 16.49 -2.87
CA VAL B 20 -0.03 15.56 -3.81
C VAL B 20 -0.39 14.10 -3.42
N GLY B 21 -0.64 13.26 -4.40
CA GLY B 21 -0.93 11.88 -4.16
C GLY B 21 -0.46 11.09 -5.34
N TYR B 22 0.14 9.92 -5.09
CA TYR B 22 0.59 9.09 -6.12
C TYR B 22 0.70 7.63 -5.76
N ILE B 23 0.85 6.80 -6.78
CA ILE B 23 0.91 5.37 -6.59
C ILE B 23 1.64 4.81 -7.77
N GLU B 24 2.44 3.79 -7.53
CA GLU B 24 3.06 3.00 -8.58
C GLU B 24 2.58 1.53 -8.38
N LEU B 25 2.06 0.86 -9.42
CA LEU B 25 1.57 -0.52 -9.34
C LEU B 25 2.42 -1.38 -10.24
N ASP B 26 2.69 -2.61 -9.81
CA ASP B 26 3.32 -3.69 -10.62
C ASP B 26 2.16 -4.29 -11.45
N LEU B 27 2.30 -4.25 -12.76
CA LEU B 27 1.21 -4.63 -13.63
C LEU B 27 0.93 -6.14 -13.54
N ALA B 28 1.98 -6.95 -13.55
CA ALA B 28 1.79 -8.39 -13.61
C ALA B 28 1.03 -8.87 -12.36
N SER B 29 1.44 -8.40 -11.18
CA SER B 29 0.87 -8.85 -9.93
C SER B 29 -0.34 -8.04 -9.50
N GLY B 30 -0.45 -6.78 -9.92
CA GLY B 30 -1.44 -5.84 -9.37
C GLY B 30 -1.11 -5.30 -7.95
N LYS B 31 0.07 -5.63 -7.42
CA LYS B 31 0.55 -5.14 -6.14
C LYS B 31 0.95 -3.67 -6.18
N ILE B 32 0.67 -2.96 -5.12
CA ILE B 32 1.15 -1.57 -4.98
C ILE B 32 2.64 -1.62 -4.64
N LEU B 33 3.47 -0.94 -5.42
CA LEU B 33 4.92 -0.82 -5.14
C LEU B 33 5.23 0.34 -4.20
N VAL B 34 4.69 1.52 -4.49
CA VAL B 34 4.93 2.71 -3.66
C VAL B 34 3.62 3.49 -3.67
N SER B 35 3.30 4.15 -2.58
CA SER B 35 2.14 5.09 -2.57
C SER B 35 2.35 6.23 -1.57
N PHE B 36 1.67 7.34 -1.87
CA PHE B 36 1.64 8.48 -0.98
C PHE B 36 0.26 9.13 -1.08
N ARG B 37 -0.47 9.18 0.01
CA ARG B 37 -1.89 9.57 -0.03
C ARG B 37 -2.66 8.93 -1.18
N PRO B 38 -2.59 7.57 -1.32
CA PRO B 38 -3.20 6.97 -2.48
C PRO B 38 -4.74 7.01 -2.47
N GLU B 39 -5.38 7.25 -1.33
CA GLU B 39 -6.82 7.33 -1.26
C GLU B 39 -7.36 8.75 -1.18
N GLU B 40 -6.53 9.80 -1.30
CA GLU B 40 -7.08 11.17 -1.39
C GLU B 40 -7.71 11.42 -2.74
N ARG B 41 -8.80 12.20 -2.73
CA ARG B 41 -9.45 12.58 -4.00
C ARG B 41 -8.81 13.76 -4.73
N PHE B 42 -8.68 13.66 -6.06
CA PHE B 42 -8.13 14.72 -6.86
C PHE B 42 -8.91 14.84 -8.16
N PRO B 43 -8.91 16.06 -8.76
CA PRO B 43 -9.44 16.19 -10.13
C PRO B 43 -8.63 15.38 -11.12
N MET B 44 -9.32 14.59 -11.95
CA MET B 44 -8.70 13.77 -12.99
C MET B 44 -7.87 14.56 -13.97
N MET B 45 -8.36 15.77 -14.32
CA MET B 45 -7.76 16.57 -15.40
C MET B 45 -7.64 15.67 -16.62
N SER B 46 -6.50 15.60 -17.29
CA SER B 46 -6.47 14.90 -18.56
C SER B 46 -6.39 13.40 -18.50
N THR B 47 -6.18 12.87 -17.30
CA THR B 47 -6.08 11.41 -17.10
C THR B 47 -7.36 10.64 -17.47
N PHE B 48 -8.51 11.31 -17.42
CA PHE B 48 -9.73 10.66 -17.95
C PHE B 48 -9.61 10.20 -19.40
N LYS B 49 -8.76 10.85 -20.19
CA LYS B 49 -8.65 10.49 -21.62
C LYS B 49 -8.18 9.08 -21.91
N VAL B 50 -7.40 8.56 -20.96
CA VAL B 50 -6.91 7.22 -21.10
C VAL B 50 -8.05 6.23 -20.94
N LEU B 51 -8.91 6.50 -19.96
CA LEU B 51 -9.96 5.60 -19.60
C LEU B 51 -11.02 5.62 -20.73
N LEU B 52 -11.24 6.82 -21.25
CA LEU B 52 -12.12 7.06 -22.44
C LEU B 52 -11.65 6.24 -23.60
N CYS B 53 -10.35 6.22 -23.87
CA CYS B 53 -9.91 5.45 -24.97
C CYS B 53 -10.07 3.96 -24.73
N GLY B 54 -9.96 3.57 -23.45
CA GLY B 54 -10.34 2.25 -22.96
C GLY B 54 -11.82 1.89 -23.25
N ALA B 55 -12.76 2.72 -22.83
CA ALA B 55 -14.16 2.45 -23.16
C ALA B 55 -14.41 2.33 -24.71
N VAL B 56 -13.70 3.15 -25.49
CA VAL B 56 -13.81 3.09 -26.92
C VAL B 56 -13.36 1.76 -27.43
N LEU B 57 -12.25 1.25 -26.92
CA LEU B 57 -11.72 -0.01 -27.44
C LEU B 57 -12.58 -1.26 -27.07
N SER B 58 -13.28 -1.12 -25.97
CA SER B 58 -14.19 -2.14 -25.46
C SER B 58 -15.32 -2.24 -26.46
N ARG B 59 -15.84 -1.08 -26.88
CA ARG B 59 -16.82 -1.04 -28.00
C ARG B 59 -16.31 -1.63 -29.30
N VAL B 60 -15.06 -1.34 -29.68
CA VAL B 60 -14.48 -1.97 -30.86
C VAL B 60 -14.53 -3.49 -30.66
N ASP B 61 -14.01 -3.98 -29.52
CA ASP B 61 -13.99 -5.45 -29.22
C ASP B 61 -15.37 -6.09 -29.33
N ALA B 62 -16.39 -5.38 -28.85
CA ALA B 62 -17.76 -5.77 -28.93
C ALA B 62 -18.38 -5.60 -30.36
N GLY B 63 -17.61 -5.40 -31.44
CA GLY B 63 -18.21 -5.20 -32.76
C GLY B 63 -19.21 -4.02 -32.79
N GLN B 64 -19.07 -3.03 -31.90
CA GLN B 64 -19.95 -1.83 -31.87
C GLN B 64 -19.25 -0.53 -32.36
N GLU B 65 -17.98 -0.60 -32.78
CA GLU B 65 -17.26 0.62 -33.18
C GLU B 65 -16.10 0.17 -34.01
N GLN B 66 -15.64 1.00 -34.95
CA GLN B 66 -14.44 0.70 -35.75
C GLN B 66 -13.46 1.87 -35.63
N LEU B 67 -12.19 1.55 -35.41
CA LEU B 67 -11.13 2.56 -35.32
C LEU B 67 -10.87 3.28 -36.66
N GLY B 68 -11.06 2.56 -37.77
CA GLY B 68 -11.07 3.18 -39.10
C GLY B 68 -12.29 4.04 -39.45
N ARG B 69 -13.27 4.23 -38.55
CA ARG B 69 -14.50 4.95 -38.93
C ARG B 69 -14.25 6.40 -38.98
N ARG B 70 -14.59 7.08 -40.07
CA ARG B 70 -14.34 8.55 -40.14
C ARG B 70 -15.50 9.39 -39.56
N ILE B 71 -15.16 10.45 -38.86
CA ILE B 71 -16.12 11.36 -38.28
C ILE B 71 -15.79 12.79 -38.72
N HIS B 72 -16.84 13.50 -39.17
CA HIS B 72 -16.79 14.91 -39.50
C HIS B 72 -17.44 15.62 -38.37
N TYR B 73 -16.96 16.83 -38.09
CA TYR B 73 -17.37 17.63 -36.93
C TYR B 73 -17.28 19.10 -37.38
N SER B 74 -17.99 20.02 -36.73
CA SER B 74 -17.96 21.44 -37.15
C SER B 74 -16.96 22.29 -36.36
N GLN B 75 -16.85 23.57 -36.73
CA GLN B 75 -16.13 24.54 -35.91
C GLN B 75 -16.90 24.97 -34.63
N ASN B 76 -18.18 24.59 -34.52
CA ASN B 76 -18.95 24.65 -33.22
C ASN B 76 -18.55 23.54 -32.22
N ASP B 77 -17.57 22.70 -32.55
CA ASP B 77 -17.12 21.63 -31.66
C ASP B 77 -15.77 21.95 -31.03
N LEU B 78 -15.04 22.91 -31.60
CA LEU B 78 -13.71 23.24 -31.13
C LEU B 78 -13.79 23.93 -29.77
N VAL B 79 -13.06 23.37 -28.79
CA VAL B 79 -12.83 24.04 -27.52
C VAL B 79 -11.33 24.21 -27.28
N GLU B 80 -10.97 24.93 -26.23
CA GLU B 80 -9.56 25.21 -25.86
C GLU B 80 -8.65 23.95 -25.85
N TYR B 81 -7.40 24.15 -26.28
CA TYR B 81 -6.35 23.13 -26.47
C TYR B 81 -6.86 22.00 -27.39
N SER B 82 -6.78 22.24 -28.70
CA SER B 82 -7.31 21.34 -29.71
C SER B 82 -6.35 21.24 -30.89
N PRO B 83 -5.10 20.86 -30.60
CA PRO B 83 -4.08 21.08 -31.62
C PRO B 83 -4.22 20.28 -32.92
N VAL B 84 -4.90 19.15 -32.87
CA VAL B 84 -5.00 18.26 -34.04
C VAL B 84 -6.32 18.52 -34.75
N THR B 85 -7.39 18.57 -33.96
CA THR B 85 -8.72 18.59 -34.49
C THR B 85 -8.96 19.89 -35.26
N GLU B 86 -8.36 20.98 -34.76
CA GLU B 86 -8.53 22.31 -35.36
C GLU B 86 -8.10 22.29 -36.81
N LYS B 87 -7.19 21.38 -37.16
CA LYS B 87 -6.63 21.30 -38.50
C LYS B 87 -7.40 20.36 -39.47
N HIS B 88 -8.51 19.75 -39.02
CA HIS B 88 -9.18 18.74 -39.86
C HIS B 88 -10.70 18.91 -39.92
N LEU B 89 -11.17 20.15 -39.81
CA LEU B 89 -12.59 20.49 -40.05
C LEU B 89 -13.13 20.07 -41.42
N THR B 90 -12.25 19.94 -42.41
CA THR B 90 -12.69 19.61 -43.77
C THR B 90 -12.74 18.11 -43.99
N ASP B 91 -11.59 17.47 -43.81
CA ASP B 91 -11.43 16.03 -44.08
C ASP B 91 -11.90 15.09 -42.92
N GLY B 92 -12.11 15.65 -41.73
CA GLY B 92 -12.41 14.84 -40.51
C GLY B 92 -11.26 14.02 -39.99
N MET B 93 -11.60 13.03 -39.16
CA MET B 93 -10.58 12.17 -38.46
C MET B 93 -11.21 10.83 -38.09
N THR B 94 -10.46 9.75 -38.25
CA THR B 94 -11.00 8.45 -37.89
C THR B 94 -11.07 8.32 -36.36
N VAL B 95 -11.86 7.37 -35.86
CA VAL B 95 -11.91 7.10 -34.42
C VAL B 95 -10.54 6.83 -33.86
N GLY B 96 -9.70 6.07 -34.58
CA GLY B 96 -8.30 5.82 -34.17
C GLY B 96 -7.44 7.04 -34.07
N GLU B 97 -7.59 7.96 -35.05
CA GLU B 97 -6.89 9.22 -35.07
C GLU B 97 -7.31 10.05 -33.91
N LEU B 98 -8.62 10.09 -33.65
CA LEU B 98 -9.08 10.89 -32.54
C LEU B 98 -8.57 10.44 -31.14
N CYS B 99 -8.49 9.12 -31.00
CA CYS B 99 -7.97 8.51 -29.78
C CYS B 99 -6.49 8.88 -29.63
N SER B 100 -5.73 8.71 -30.71
CA SER B 100 -4.32 9.13 -30.75
C SER B 100 -4.22 10.59 -30.41
N ALA B 101 -5.06 11.44 -31.02
CA ALA B 101 -5.04 12.88 -30.67
C ALA B 101 -5.44 13.17 -29.22
N ALA B 102 -6.45 12.51 -28.73
CA ALA B 102 -6.95 12.77 -27.37
C ALA B 102 -5.97 12.34 -26.25
N ILE B 103 -5.26 11.23 -26.43
CA ILE B 103 -4.24 10.82 -25.46
C ILE B 103 -2.91 11.58 -25.67
N THR B 104 -2.30 11.43 -26.84
CA THR B 104 -0.96 11.90 -27.09
C THR B 104 -0.90 13.41 -27.10
N MET B 105 -1.88 14.07 -27.73
CA MET B 105 -1.89 15.54 -27.77
C MET B 105 -2.85 16.17 -26.79
N SER B 106 -3.48 15.38 -25.91
CA SER B 106 -4.47 15.84 -24.93
C SER B 106 -5.55 16.72 -25.60
N ASP B 107 -5.87 16.39 -26.88
CA ASP B 107 -6.69 17.26 -27.73
C ASP B 107 -8.07 17.18 -27.18
N ASN B 108 -8.53 18.30 -26.61
CA ASN B 108 -9.80 18.34 -25.93
C ASN B 108 -11.00 18.11 -26.85
N THR B 109 -10.95 18.53 -28.13
CA THR B 109 -12.14 18.26 -28.96
C THR B 109 -12.20 16.80 -29.26
N ALA B 110 -11.03 16.20 -29.43
CA ALA B 110 -10.98 14.81 -29.73
C ALA B 110 -11.62 14.01 -28.58
N ALA B 111 -11.30 14.37 -27.33
CA ALA B 111 -11.98 13.72 -26.20
C ALA B 111 -13.49 13.93 -26.26
N ASN B 112 -13.95 15.13 -26.57
CA ASN B 112 -15.44 15.37 -26.61
C ASN B 112 -16.15 14.58 -27.71
N LEU B 113 -15.54 14.53 -28.88
CA LEU B 113 -16.06 13.70 -29.94
C LEU B 113 -16.09 12.20 -29.61
N LEU B 114 -15.05 11.70 -28.95
CA LEU B 114 -15.02 10.26 -28.56
C LEU B 114 -16.11 9.97 -27.49
N LEU B 115 -16.29 10.92 -26.61
CA LEU B 115 -17.31 10.83 -25.58
C LEU B 115 -18.72 10.63 -26.19
N THR B 116 -19.00 11.42 -27.23
CA THR B 116 -20.25 11.34 -27.97
C THR B 116 -20.36 9.94 -28.56
N THR B 117 -19.28 9.36 -29.10
CA THR B 117 -19.38 8.01 -29.62
C THR B 117 -19.75 6.91 -28.61
N ILE B 118 -19.47 7.08 -27.33
CA ILE B 118 -19.86 6.09 -26.30
C ILE B 118 -21.17 6.39 -25.58
N GLY B 119 -21.56 7.66 -25.60
CA GLY B 119 -22.79 8.11 -25.00
C GLY B 119 -22.71 9.10 -23.86
N GLY B 120 -21.66 9.91 -23.83
CA GLY B 120 -21.53 10.98 -22.81
C GLY B 120 -20.79 10.54 -21.55
N PRO B 121 -20.56 11.48 -20.62
CA PRO B 121 -19.89 11.21 -19.33
C PRO B 121 -20.46 10.06 -18.55
N LYS B 122 -21.79 10.05 -18.41
CA LYS B 122 -22.50 8.99 -17.70
C LYS B 122 -22.23 7.58 -18.25
N GLU B 123 -22.06 7.45 -19.55
CA GLU B 123 -21.70 6.13 -20.12
C GLU B 123 -20.23 5.70 -19.85
N LEU B 124 -19.31 6.66 -19.75
CA LEU B 124 -17.94 6.34 -19.28
C LEU B 124 -18.01 5.95 -17.80
N THR B 125 -18.64 6.79 -17.00
CA THR B 125 -18.85 6.47 -15.59
C THR B 125 -19.50 5.10 -15.35
N ALA B 126 -20.41 4.68 -16.24
CA ALA B 126 -21.04 3.38 -16.11
C ALA B 126 -20.14 2.24 -16.61
N PHE B 127 -19.35 2.52 -17.64
CA PHE B 127 -18.27 1.61 -18.01
C PHE B 127 -17.39 1.28 -16.77
N LEU B 128 -17.04 2.31 -16.00
CA LEU B 128 -16.11 2.17 -14.87
C LEU B 128 -16.81 1.33 -13.76
N HIS B 129 -18.03 1.75 -13.38
CA HIS B 129 -18.88 0.95 -12.47
C HIS B 129 -18.89 -0.51 -12.80
N ASN B 130 -19.20 -0.80 -14.06
CA ASN B 130 -19.24 -2.17 -14.52
C ASN B 130 -17.94 -2.96 -14.44
N MET B 131 -16.78 -2.28 -14.40
CA MET B 131 -15.48 -3.00 -14.23
C MET B 131 -14.92 -2.93 -12.81
N GLY B 132 -15.74 -2.57 -11.84
CA GLY B 132 -15.36 -2.62 -10.43
C GLY B 132 -14.94 -1.29 -9.84
N ASP B 133 -14.84 -0.23 -10.65
CA ASP B 133 -14.41 1.05 -10.16
C ASP B 133 -15.64 1.91 -9.79
N HIS B 134 -15.83 2.13 -8.48
CA HIS B 134 -16.93 2.94 -7.93
C HIS B 134 -16.43 4.24 -7.29
N VAL B 135 -15.14 4.59 -7.49
CA VAL B 135 -14.57 5.85 -6.99
C VAL B 135 -14.46 6.90 -8.10
N THR B 136 -13.98 6.48 -9.28
CA THR B 136 -13.70 7.42 -10.35
C THR B 136 -15.02 7.80 -11.01
N ARG B 137 -15.26 9.08 -11.14
CA ARG B 137 -16.52 9.60 -11.73
C ARG B 137 -16.21 10.72 -12.71
N LEU B 138 -16.60 10.57 -13.99
CA LEU B 138 -16.63 11.74 -14.90
C LEU B 138 -18.09 12.23 -15.12
N ASP B 139 -18.28 13.52 -14.91
CA ASP B 139 -19.60 14.15 -14.99
C ASP B 139 -19.70 15.18 -16.12
N ARG B 140 -18.63 15.96 -16.35
CA ARG B 140 -18.60 17.05 -17.35
C ARG B 140 -17.86 16.70 -18.64
N TRP B 141 -18.03 17.57 -19.64
CA TRP B 141 -17.24 17.57 -20.89
C TRP B 141 -16.04 18.54 -20.76
N GLU B 142 -15.13 18.47 -21.74
CA GLU B 142 -14.07 19.48 -21.85
C GLU B 142 -14.73 20.76 -22.41
N PRO B 143 -14.37 21.94 -21.91
CA PRO B 143 -13.31 22.16 -20.92
C PRO B 143 -13.80 22.25 -19.48
N GLU B 144 -15.10 22.05 -19.25
CA GLU B 144 -15.71 22.31 -17.93
C GLU B 144 -15.19 21.35 -16.83
N LEU B 145 -14.73 20.16 -17.24
CA LEU B 145 -14.20 19.16 -16.30
C LEU B 145 -12.91 19.53 -15.56
N ASN B 146 -12.23 20.61 -15.99
CA ASN B 146 -10.99 21.08 -15.33
C ASN B 146 -11.13 22.12 -14.21
N GLU B 147 -12.35 22.37 -13.73
CA GLU B 147 -12.57 23.24 -12.55
C GLU B 147 -12.76 22.38 -11.29
N GLU B 153 -16.36 17.80 -6.43
CA GLU B 153 -16.07 16.37 -6.38
C GLU B 153 -16.36 15.62 -7.71
N ARG B 154 -17.11 16.26 -8.58
CA ARG B 154 -17.13 15.93 -9.99
C ARG B 154 -15.75 15.85 -10.62
N ASP B 155 -15.64 14.90 -11.52
CA ASP B 155 -14.45 14.69 -12.40
C ASP B 155 -13.21 14.37 -11.58
N THR B 156 -13.40 13.45 -10.61
CA THR B 156 -12.34 13.14 -9.64
C THR B 156 -12.08 11.66 -9.55
N THR B 157 -10.91 11.35 -9.00
CA THR B 157 -10.54 9.98 -8.72
C THR B 157 -9.55 10.01 -7.58
N THR B 158 -9.01 8.85 -7.26
CA THR B 158 -7.94 8.77 -6.33
C THR B 158 -6.79 8.12 -7.11
N PRO B 159 -5.57 8.33 -6.65
CA PRO B 159 -4.46 7.61 -7.24
C PRO B 159 -4.67 6.11 -7.32
N VAL B 160 -5.12 5.46 -6.22
CA VAL B 160 -5.36 4.02 -6.23
C VAL B 160 -6.47 3.59 -7.18
N ALA B 161 -7.59 4.33 -7.25
CA ALA B 161 -8.67 3.90 -8.17
C ALA B 161 -8.23 4.00 -9.61
N MET B 162 -7.57 5.12 -9.99
CA MET B 162 -7.14 5.32 -11.38
C MET B 162 -6.12 4.25 -11.67
N ALA B 163 -5.16 4.02 -10.76
CA ALA B 163 -4.13 3.00 -11.13
C ALA B 163 -4.77 1.61 -11.30
N THR B 164 -5.67 1.28 -10.39
CA THR B 164 -6.29 -0.05 -10.36
C THR B 164 -7.15 -0.24 -11.61
N THR B 165 -7.91 0.78 -11.96
CA THR B 165 -8.63 0.76 -13.26
C THR B 165 -7.74 0.62 -14.48
N LEU B 166 -6.70 1.43 -14.58
CA LEU B 166 -5.80 1.31 -15.69
C LEU B 166 -5.19 -0.07 -15.75
N ARG B 167 -4.85 -0.62 -14.60
CA ARG B 167 -4.24 -1.96 -14.64
C ARG B 167 -5.25 -2.98 -15.19
N LYS B 168 -6.51 -2.83 -14.83
CA LYS B 168 -7.54 -3.77 -15.35
C LYS B 168 -7.61 -3.67 -16.88
N LEU B 169 -7.49 -2.44 -17.41
CA LEU B 169 -7.46 -2.27 -18.84
C LEU B 169 -6.32 -2.88 -19.53
N LEU B 170 -5.15 -2.84 -18.90
CA LEU B 170 -3.91 -3.24 -19.51
C LEU B 170 -3.49 -4.69 -19.31
N THR B 171 -4.18 -5.41 -18.47
CA THR B 171 -3.82 -6.77 -18.14
C THR B 171 -5.02 -7.67 -18.22
N GLY B 172 -4.70 -8.96 -18.34
CA GLY B 172 -5.65 -10.01 -18.75
C GLY B 172 -6.97 -9.63 -19.46
N GLU B 173 -8.07 -10.05 -18.82
CA GLU B 173 -9.52 -9.82 -19.08
C GLU B 173 -10.12 -8.82 -20.09
N LEU B 174 -10.19 -7.58 -19.66
CA LEU B 174 -11.18 -6.64 -20.10
C LEU B 174 -11.20 -6.28 -21.56
N LEU B 175 -10.03 -6.26 -22.17
CA LEU B 175 -9.90 -5.86 -23.56
C LEU B 175 -9.26 -7.00 -24.13
N THR B 176 -9.42 -7.17 -25.46
CA THR B 176 -8.73 -8.20 -26.20
C THR B 176 -7.29 -7.82 -26.23
N ALA B 177 -6.45 -8.73 -26.71
CA ALA B 177 -5.02 -8.50 -26.78
C ALA B 177 -4.62 -7.40 -27.79
N ALA B 178 -5.37 -7.33 -28.89
CA ALA B 178 -5.32 -6.24 -29.89
C ALA B 178 -5.53 -4.90 -29.25
N SER B 179 -6.65 -4.73 -28.56
CA SER B 179 -6.98 -3.48 -27.93
C SER B 179 -5.97 -3.08 -26.79
N ARG B 180 -5.59 -4.04 -25.97
CA ARG B 180 -4.58 -3.81 -24.90
C ARG B 180 -3.29 -3.24 -25.48
N GLN B 181 -2.80 -3.85 -26.54
CA GLN B 181 -1.57 -3.38 -27.18
C GLN B 181 -1.77 -1.97 -27.78
N GLN B 182 -2.97 -1.72 -28.26
CA GLN B 182 -3.28 -0.46 -28.91
C GLN B 182 -3.31 0.63 -27.89
N LEU B 183 -3.87 0.33 -26.71
CA LEU B 183 -3.98 1.31 -25.65
C LEU B 183 -2.59 1.69 -25.21
N ILE B 184 -1.77 0.68 -24.93
CA ILE B 184 -0.35 0.85 -24.60
C ILE B 184 0.35 1.72 -25.65
N ASP B 185 0.19 1.38 -26.93
CA ASP B 185 0.97 2.05 -28.00
C ASP B 185 0.53 3.50 -28.12
N TRP B 186 -0.74 3.82 -27.86
CA TRP B 186 -1.14 5.21 -27.76
C TRP B 186 -0.53 5.96 -26.58
N MET B 187 -0.54 5.34 -25.41
CA MET B 187 0.04 5.90 -24.18
C MET B 187 1.54 6.09 -24.30
N GLU B 188 2.21 5.26 -25.08
CA GLU B 188 3.66 5.34 -25.26
C GLU B 188 4.08 5.99 -26.58
N ALA B 189 3.13 6.65 -27.24
CA ALA B 189 3.30 7.21 -28.59
C ALA B 189 4.55 8.07 -28.78
N LEU B 201 9.63 16.20 -17.05
CA LEU B 201 9.29 14.83 -16.64
C LEU B 201 10.45 13.86 -16.93
N PRO B 202 10.73 12.91 -16.00
CA PRO B 202 11.88 11.97 -16.17
C PRO B 202 11.93 11.22 -17.50
N ALA B 203 13.14 10.96 -17.98
CA ALA B 203 13.37 10.41 -19.34
C ALA B 203 12.94 8.92 -19.48
N GLY B 204 13.07 8.15 -18.38
CA GLY B 204 12.57 6.78 -18.29
C GLY B 204 11.05 6.56 -18.36
N TRP B 205 10.26 7.62 -18.12
CA TRP B 205 8.76 7.52 -18.09
C TRP B 205 8.09 7.61 -19.47
N PHE B 206 7.24 6.64 -19.84
CA PHE B 206 6.34 6.80 -21.02
C PHE B 206 5.08 7.52 -20.54
N ILE B 207 4.96 8.80 -20.91
CA ILE B 207 3.91 9.72 -20.37
C ILE B 207 2.74 9.76 -21.33
N ALA B 208 1.53 9.47 -20.83
CA ALA B 208 0.32 9.43 -21.66
C ALA B 208 0.08 10.82 -22.34
N ASP B 209 -0.02 11.86 -21.50
CA ASP B 209 -0.29 13.23 -21.95
C ASP B 209 1.02 13.94 -22.43
N LYS B 210 1.23 13.98 -23.77
CA LYS B 210 2.49 14.41 -24.49
C LYS B 210 3.79 13.69 -23.99
N SER B 218 -2.71 22.50 -11.28
CA SER B 218 -3.62 21.39 -11.01
C SER B 218 -3.61 20.31 -12.13
N ARG B 219 -3.19 19.08 -11.80
CA ARG B 219 -2.58 18.24 -12.83
C ARG B 219 -2.62 16.76 -12.49
N GLY B 220 -2.64 15.93 -13.51
CA GLY B 220 -2.66 14.48 -13.34
C GLY B 220 -1.68 13.92 -14.32
N ILE B 221 -0.96 12.88 -13.91
CA ILE B 221 0.04 12.31 -14.80
C ILE B 221 -0.19 10.82 -14.75
N ILE B 222 -0.11 10.15 -15.90
CA ILE B 222 -0.12 8.68 -15.94
C ILE B 222 1.16 8.38 -16.66
N ALA B 223 1.97 7.50 -16.12
CA ALA B 223 3.19 7.15 -16.84
C ALA B 223 3.32 5.65 -16.82
N ALA B 224 3.86 5.08 -17.89
CA ALA B 224 4.17 3.62 -17.91
C ALA B 224 5.68 3.47 -17.90
N LEU B 225 6.14 2.41 -17.30
CA LEU B 225 7.57 2.22 -17.14
C LEU B 225 7.84 0.80 -17.52
N GLY B 226 8.91 0.60 -18.26
CA GLY B 226 9.36 -0.75 -18.59
C GLY B 226 9.75 -0.83 -20.03
N PRO B 227 9.92 -2.08 -20.52
CA PRO B 227 10.33 -2.19 -21.94
C PRO B 227 9.33 -1.57 -22.94
N ASP B 228 9.82 -1.10 -24.09
CA ASP B 228 8.93 -0.49 -25.08
C ASP B 228 7.88 -1.49 -25.50
N GLY B 229 6.64 -1.02 -25.50
CA GLY B 229 5.51 -1.80 -25.85
C GLY B 229 4.94 -2.73 -24.78
N LYS B 230 5.65 -2.95 -23.67
CA LYS B 230 5.20 -3.91 -22.62
C LYS B 230 5.67 -3.41 -21.25
N PRO B 231 5.01 -2.39 -20.74
CA PRO B 231 5.47 -1.84 -19.48
C PRO B 231 5.22 -2.88 -18.39
N SER B 232 6.04 -2.82 -17.37
CA SER B 232 5.89 -3.66 -16.22
C SER B 232 5.24 -2.87 -15.10
N ARG B 233 5.27 -1.55 -15.17
CA ARG B 233 4.75 -0.77 -14.03
C ARG B 233 3.96 0.41 -14.51
N ILE B 234 3.06 0.93 -13.67
CA ILE B 234 2.36 2.17 -13.98
C ILE B 234 2.44 3.10 -12.83
N VAL B 235 2.52 4.37 -13.14
CA VAL B 235 2.57 5.39 -12.11
C VAL B 235 1.47 6.43 -12.36
N VAL B 236 0.74 6.77 -11.30
CA VAL B 236 -0.32 7.75 -11.36
C VAL B 236 -0.02 8.82 -10.27
N ILE B 237 0.04 10.10 -10.69
CA ILE B 237 0.39 11.21 -9.79
C ILE B 237 -0.67 12.32 -10.01
N TYR B 238 -1.27 12.82 -8.92
CA TYR B 238 -2.08 14.05 -8.95
C TYR B 238 -1.47 15.12 -8.08
N MET B 239 -1.57 16.37 -8.51
CA MET B 239 -1.12 17.50 -7.71
C MET B 239 -2.13 18.63 -7.92
N THR B 240 -2.59 19.25 -6.85
CA THR B 240 -3.41 20.47 -6.97
C THR B 240 -2.67 21.59 -6.26
N GLY B 241 -2.49 22.73 -6.95
CA GLY B 241 -1.94 23.93 -6.32
C GLY B 241 -1.88 25.17 -7.21
N ALA B 244 2.16 26.23 -6.72
CA ALA B 244 2.61 25.73 -8.00
C ALA B 244 3.46 26.79 -8.66
N THR B 245 4.55 26.40 -9.33
CA THR B 245 5.48 27.37 -9.94
C THR B 245 6.48 26.83 -10.99
N MET B 246 5.98 26.08 -11.98
CA MET B 246 6.76 25.45 -13.04
C MET B 246 7.79 24.69 -12.30
N ASP B 247 8.68 25.41 -11.68
CA ASP B 247 9.65 24.76 -10.82
C ASP B 247 8.96 24.58 -9.47
N GLU B 248 9.51 23.63 -8.72
CA GLU B 248 9.05 23.11 -7.41
C GLU B 248 8.01 21.97 -7.56
N ARG B 249 7.28 21.97 -8.66
CA ARG B 249 6.38 20.94 -9.06
C ARG B 249 7.37 20.00 -9.71
N ASN B 250 8.27 20.55 -10.51
CA ASN B 250 9.31 19.72 -11.14
C ASN B 250 10.28 19.08 -10.15
N ARG B 251 10.59 19.77 -9.05
CA ARG B 251 11.35 19.20 -7.93
C ARG B 251 10.57 18.10 -7.20
N GLN B 252 9.27 18.34 -6.96
CA GLN B 252 8.37 17.33 -6.42
C GLN B 252 8.28 16.08 -7.32
N ILE B 253 8.12 16.29 -8.63
CA ILE B 253 8.05 15.21 -9.61
C ILE B 253 9.37 14.41 -9.54
N ALA B 254 10.52 15.10 -9.51
CA ALA B 254 11.83 14.42 -9.40
C ALA B 254 11.97 13.65 -8.08
N GLU B 255 11.47 14.19 -6.98
CA GLU B 255 11.44 13.42 -5.75
C GLU B 255 10.56 12.16 -5.87
N ILE B 256 9.42 12.25 -6.56
CA ILE B 256 8.56 11.05 -6.74
C ILE B 256 9.34 10.01 -7.58
N GLY B 257 10.04 10.51 -8.58
CA GLY B 257 10.85 9.70 -9.49
C GLY B 257 11.88 8.93 -8.71
N ALA B 258 12.44 9.57 -7.68
CA ALA B 258 13.46 8.94 -6.85
C ALA B 258 12.94 7.79 -6.00
N SER B 259 11.65 7.79 -5.73
CA SER B 259 11.00 6.78 -4.85
C SER B 259 10.55 5.50 -5.57
N LEU B 260 10.60 5.49 -6.92
CA LEU B 260 10.00 4.41 -7.74
C LEU B 260 10.92 3.21 -7.78
N ILE B 261 10.30 2.04 -7.80
CA ILE B 261 11.00 0.76 -7.64
C ILE B 261 10.37 -0.22 -8.64
N LYS B 262 10.81 -1.45 -8.53
CA LYS B 262 10.38 -2.55 -9.38
C LYS B 262 10.21 -3.78 -8.52
N HIS B 263 9.47 -4.73 -9.05
CA HIS B 263 9.33 -6.03 -8.43
C HIS B 263 10.71 -6.51 -8.05
N TRP B 264 10.94 -7.00 -6.84
CA TRP B 264 12.27 -7.44 -6.42
C TRP B 264 12.55 -8.83 -7.03
N ALA B 265 13.68 -9.01 -7.73
CA ALA B 265 14.01 -10.27 -8.43
C ALA B 265 15.00 -11.15 -7.62
MG MG C . 13.99 -1.84 -7.09
#